data_7UE4
#
_entry.id   7UE4
#
_cell.length_a   98.598
_cell.length_b   98.598
_cell.length_c   68.965
_cell.angle_alpha   90.000
_cell.angle_beta   90.000
_cell.angle_gamma   120.000
#
_symmetry.space_group_name_H-M   'P 31 2 1'
#
loop_
_entity.id
_entity.type
_entity.pdbx_description
1 polymer 'Pantothenate kinase 3'
2 non-polymer 'PHOSPHOAMINOPHOSPHONIC ACID-ADENYLATE ESTER'
3 non-polymer 'MAGNESIUM ION'
4 non-polymer 1,2-ETHANEDIOL
5 non-polymer 'ACETATE ION'
6 non-polymer 1-[4-(6-chloropyridazin-3-yl)piperazin-1-yl]-2-(4-cyclopropylphenyl)ethan-1-one
7 water water
#
_entity_poly.entity_id   1
_entity_poly.type   'polypeptide(L)'
_entity_poly.pdbx_seq_one_letter_code
;MGSSHHHHHHSSGLVPRGSPWFGMDIGGTLVKLSYFEPIDITAEEEQEEVESLKSIRKYLTSNVAYGSTGIRDVHLELKD
LTLFGRRGNLHFIRFPTQDLPTFIQMGRDKNFSTLQTVLCATGGGAYKFEKDFRTIGNLHLHKLDELDCLVKGLLYIDSV
SFNGQAECYYFANASEPERCQKMPFNLDDPYPLLVVNIGSGVSILAVHSKDNYKRVTGTSLGGGTFLGLCSLLTGCESFE
EALEMASKGDSTQADKLVRDIYGGDYERFGLPGWAVASSFGNMIYKEKRESVSKEDLARATLVTITNNIGSVARMCAVNE
KINRVVFVGNFLRVNTLSMKLLAYALDYWSKGQLKALFLEHEGYFGAVGALLGLPNFSDD
;
_entity_poly.pdbx_strand_id   A
#
# COMPACT_ATOMS: atom_id res chain seq x y z
N SER A 19 6.21 27.16 9.32
CA SER A 19 6.64 25.87 8.79
C SER A 19 5.47 25.05 8.26
N PRO A 20 5.59 24.51 7.05
CA PRO A 20 4.53 23.66 6.52
C PRO A 20 4.42 22.37 7.30
N TRP A 21 3.23 21.78 7.29
CA TRP A 21 2.93 20.58 8.04
C TRP A 21 2.98 19.39 7.09
N PHE A 22 4.07 18.62 7.16
CA PHE A 22 4.30 17.42 6.38
C PHE A 22 4.36 16.21 7.29
N GLY A 23 3.96 15.06 6.76
CA GLY A 23 4.41 13.77 7.29
C GLY A 23 5.02 12.98 6.16
N MET A 24 6.10 12.25 6.44
CA MET A 24 6.83 11.59 5.38
C MET A 24 7.16 10.15 5.77
N ASP A 25 6.87 9.22 4.87
CA ASP A 25 7.19 7.79 5.03
C ASP A 25 8.17 7.45 3.90
N ILE A 26 9.46 7.27 4.24
CA ILE A 26 10.47 6.93 3.25
C ILE A 26 10.64 5.42 3.25
N GLY A 27 10.02 4.75 2.27
CA GLY A 27 10.12 3.31 2.14
C GLY A 27 11.30 2.87 1.29
N GLY A 28 11.41 1.55 1.13
CA GLY A 28 12.44 0.98 0.27
C GLY A 28 12.28 1.33 -1.19
N THR A 29 11.03 1.58 -1.64
CA THR A 29 10.74 1.87 -3.05
C THR A 29 10.16 3.25 -3.24
N LEU A 30 9.16 3.63 -2.45
CA LEU A 30 8.47 4.90 -2.63
C LEU A 30 8.56 5.79 -1.39
N VAL A 31 8.63 7.10 -1.62
CA VAL A 31 8.44 8.08 -0.55
C VAL A 31 7.00 8.54 -0.63
N LYS A 32 6.32 8.55 0.51
CA LYS A 32 4.96 9.01 0.61
C LYS A 32 4.94 10.23 1.51
N LEU A 33 4.20 11.25 1.07
CA LEU A 33 4.21 12.53 1.77
C LEU A 33 2.76 12.96 1.96
N SER A 34 2.41 13.33 3.18
CA SER A 34 1.12 13.92 3.46
C SER A 34 1.34 15.37 3.82
N TYR A 35 0.55 16.25 3.22
CA TYR A 35 0.72 17.68 3.40
C TYR A 35 -0.62 18.28 3.74
N PHE A 36 -0.66 19.04 4.84
CA PHE A 36 -1.87 19.72 5.29
C PHE A 36 -1.83 21.17 4.84
N GLU A 37 -2.77 21.55 3.96
CA GLU A 37 -2.87 22.91 3.46
C GLU A 37 -3.94 23.66 4.26
N PRO A 38 -3.59 24.68 5.04
CA PRO A 38 -4.63 25.43 5.73
C PRO A 38 -5.46 26.20 4.71
N ILE A 39 -6.76 26.27 4.97
CA ILE A 39 -7.68 27.04 4.13
C ILE A 39 -8.40 28.11 4.94
N ASP A 40 -8.05 28.28 6.21
CA ASP A 40 -8.61 29.32 7.05
C ASP A 40 -7.55 30.41 7.31
N ILE A 41 -6.80 30.76 6.28
CA ILE A 41 -5.73 31.75 6.40
C ILE A 41 -6.39 33.13 6.51
N THR A 42 -6.25 33.77 7.67
CA THR A 42 -6.85 35.08 7.86
C THR A 42 -6.02 36.15 7.13
N ALA A 43 -6.52 37.38 7.18
CA ALA A 43 -5.85 38.49 6.50
C ALA A 43 -4.48 38.78 7.10
N GLU A 44 -4.41 38.88 8.44
CA GLU A 44 -3.14 39.15 9.09
C GLU A 44 -2.15 38.01 8.88
N GLU A 45 -2.63 36.76 8.91
CA GLU A 45 -1.73 35.63 8.73
C GLU A 45 -1.08 35.65 7.35
N GLU A 46 -1.83 36.07 6.33
CA GLU A 46 -1.28 36.12 4.99
C GLU A 46 -0.13 37.12 4.89
N GLN A 47 -0.26 38.28 5.56
CA GLN A 47 0.82 39.26 5.58
C GLN A 47 2.09 38.68 6.18
N GLU A 48 1.97 38.03 7.35
CA GLU A 48 3.12 37.48 8.06
C GLU A 48 3.73 36.27 7.37
N GLU A 49 3.19 35.84 6.23
CA GLU A 49 3.74 34.69 5.51
C GLU A 49 5.08 35.06 4.89
N VAL A 50 6.10 34.25 5.14
CA VAL A 50 7.37 34.43 4.43
C VAL A 50 7.19 33.91 3.00
N GLU A 51 7.82 34.60 2.05
CA GLU A 51 7.56 34.32 0.65
C GLU A 51 7.87 32.86 0.31
N SER A 52 8.93 32.30 0.88
CA SER A 52 9.28 30.90 0.61
C SER A 52 8.16 29.96 1.05
N LEU A 53 7.48 30.29 2.15
CA LEU A 53 6.35 29.47 2.59
C LEU A 53 5.17 29.59 1.62
N LYS A 54 4.92 30.80 1.11
CA LYS A 54 3.89 30.97 0.11
C LYS A 54 4.23 30.22 -1.17
N SER A 55 5.50 30.25 -1.57
CA SER A 55 5.91 29.58 -2.80
C SER A 55 5.72 28.07 -2.72
N ILE A 56 6.02 27.45 -1.58
CA ILE A 56 5.88 26.01 -1.51
C ILE A 56 4.40 25.63 -1.49
N ARG A 57 3.56 26.42 -0.81
CA ARG A 57 2.13 26.11 -0.82
C ARG A 57 1.55 26.26 -2.22
N LYS A 58 1.94 27.31 -2.95
CA LYS A 58 1.49 27.47 -4.33
C LYS A 58 2.05 26.39 -5.23
N TYR A 59 3.33 26.06 -5.07
CA TYR A 59 3.94 25.01 -5.88
C TYR A 59 3.21 23.69 -5.69
N LEU A 60 2.87 23.36 -4.45
CA LEU A 60 2.26 22.08 -4.14
C LEU A 60 0.81 22.02 -4.57
N THR A 61 0.07 23.11 -4.43
CA THR A 61 -1.35 23.12 -4.75
C THR A 61 -1.67 23.44 -6.21
N SER A 62 -0.75 24.06 -6.94
CA SER A 62 -0.99 24.39 -8.35
C SER A 62 -0.42 23.37 -9.31
N ASN A 63 0.27 22.33 -8.81
CA ASN A 63 0.82 21.28 -9.66
C ASN A 63 0.35 19.93 -9.18
N VAL A 64 0.10 19.02 -10.12
CA VAL A 64 -0.19 17.63 -9.80
C VAL A 64 0.94 16.70 -10.18
N ALA A 65 1.90 17.15 -10.98
CA ALA A 65 3.15 16.43 -11.21
C ALA A 65 4.29 17.32 -10.74
N TYR A 66 5.25 16.72 -10.03
CA TYR A 66 6.36 17.47 -9.45
C TYR A 66 7.65 16.93 -10.06
N GLY A 67 8.36 17.79 -10.79
CA GLY A 67 9.50 17.27 -11.53
C GLY A 67 9.06 16.18 -12.50
N SER A 68 9.93 15.19 -12.67
CA SER A 68 9.62 14.11 -13.60
C SER A 68 9.00 12.89 -12.95
N THR A 69 9.05 12.76 -11.62
CA THR A 69 8.60 11.53 -10.97
C THR A 69 7.69 11.72 -9.76
N GLY A 70 7.40 12.95 -9.36
CA GLY A 70 6.50 13.18 -8.24
C GLY A 70 5.06 13.33 -8.73
N ILE A 71 4.14 12.75 -7.96
CA ILE A 71 2.72 12.72 -8.32
C ILE A 71 1.87 13.04 -7.09
N ARG A 72 0.94 13.97 -7.25
CA ARG A 72 -0.09 14.19 -6.24
C ARG A 72 -1.33 13.37 -6.62
N ASP A 73 -1.77 12.53 -5.69
CA ASP A 73 -2.95 11.68 -5.89
C ASP A 73 -4.18 12.52 -5.52
N VAL A 74 -4.63 13.32 -6.48
CA VAL A 74 -5.68 14.32 -6.23
C VAL A 74 -6.96 13.66 -5.70
N HIS A 75 -7.29 12.47 -6.21
CA HIS A 75 -8.55 11.84 -5.84
C HIS A 75 -8.61 11.45 -4.36
N LEU A 76 -7.45 11.32 -3.70
CA LEU A 76 -7.41 10.94 -2.29
C LEU A 76 -7.53 12.13 -1.35
N GLU A 77 -7.48 13.35 -1.86
CA GLU A 77 -7.47 14.55 -1.00
C GLU A 77 -8.63 14.52 -0.01
N LEU A 78 -8.33 14.84 1.26
CA LEU A 78 -9.34 15.02 2.29
C LEU A 78 -9.56 16.51 2.45
N LYS A 79 -10.78 16.97 2.15
CA LYS A 79 -11.10 18.39 2.09
C LYS A 79 -11.78 18.86 3.36
N ASP A 80 -11.42 20.06 3.81
CA ASP A 80 -12.03 20.70 4.97
C ASP A 80 -11.91 19.80 6.20
N LEU A 81 -10.71 19.27 6.39
CA LEU A 81 -10.38 18.54 7.60
C LEU A 81 -9.94 19.52 8.68
N THR A 82 -10.36 19.25 9.91
CA THR A 82 -9.91 20.02 11.07
C THR A 82 -8.76 19.26 11.71
N LEU A 83 -7.56 19.83 11.64
CA LEU A 83 -6.38 19.17 12.16
C LEU A 83 -5.58 20.18 12.97
N PHE A 84 -5.22 19.80 14.20
CA PHE A 84 -4.46 20.66 15.10
C PHE A 84 -5.18 21.99 15.30
N GLY A 85 -6.52 21.94 15.31
CA GLY A 85 -7.32 23.12 15.54
C GLY A 85 -7.48 24.06 14.36
N ARG A 86 -7.09 23.62 13.16
CA ARG A 86 -7.22 24.44 11.96
C ARG A 86 -7.92 23.65 10.88
N ARG A 87 -8.68 24.36 10.04
CA ARG A 87 -9.30 23.73 8.87
C ARG A 87 -8.35 23.75 7.69
N GLY A 88 -8.33 22.66 6.95
CA GLY A 88 -7.51 22.61 5.75
C GLY A 88 -7.80 21.36 4.95
N ASN A 89 -7.00 21.19 3.91
CA ASN A 89 -7.09 20.03 3.04
C ASN A 89 -5.86 19.16 3.24
N LEU A 90 -6.06 17.85 3.30
CA LEU A 90 -4.96 16.92 3.46
C LEU A 90 -4.63 16.32 2.10
N HIS A 91 -3.39 16.52 1.64
CA HIS A 91 -2.95 16.11 0.32
C HIS A 91 -2.00 14.92 0.42
N PHE A 92 -1.98 14.09 -0.63
CA PHE A 92 -1.22 12.84 -0.64
C PHE A 92 -0.33 12.81 -1.88
N ILE A 93 0.98 12.69 -1.66
CA ILE A 93 1.98 12.89 -2.70
C ILE A 93 3.00 11.74 -2.60
N ARG A 94 3.50 11.28 -3.75
CA ARG A 94 4.45 10.18 -3.75
C ARG A 94 5.52 10.37 -4.82
N PHE A 95 6.69 9.81 -4.58
CA PHE A 95 7.76 9.80 -5.56
C PHE A 95 8.73 8.69 -5.21
N PRO A 96 9.57 8.27 -6.15
CA PRO A 96 10.48 7.14 -5.88
C PRO A 96 11.55 7.55 -4.89
N THR A 97 11.84 6.64 -3.96
CA THR A 97 12.93 6.88 -3.01
C THR A 97 14.24 7.17 -3.72
N GLN A 98 14.45 6.56 -4.89
CA GLN A 98 15.63 6.84 -5.70
C GLN A 98 15.79 8.33 -5.98
N ASP A 99 14.69 9.08 -6.01
CA ASP A 99 14.77 10.51 -6.32
C ASP A 99 14.77 11.39 -5.09
N LEU A 100 14.89 10.81 -3.89
CA LEU A 100 14.98 11.65 -2.70
C LEU A 100 16.13 12.64 -2.74
N PRO A 101 17.30 12.35 -3.33
CA PRO A 101 18.34 13.39 -3.45
C PRO A 101 17.85 14.66 -4.12
N THR A 102 17.10 14.56 -5.22
CA THR A 102 16.61 15.78 -5.85
C THR A 102 15.56 16.48 -4.98
N PHE A 103 14.78 15.71 -4.20
CA PHE A 103 13.88 16.35 -3.23
C PHE A 103 14.66 17.14 -2.20
N ILE A 104 15.70 16.54 -1.63
CA ILE A 104 16.52 17.23 -0.63
C ILE A 104 17.25 18.41 -1.24
N GLN A 105 17.75 18.25 -2.47
CA GLN A 105 18.43 19.36 -3.15
C GLN A 105 17.47 20.52 -3.38
N MET A 106 16.25 20.23 -3.86
CA MET A 106 15.25 21.28 -3.97
C MET A 106 14.95 21.93 -2.62
N GLY A 107 15.00 21.15 -1.54
CA GLY A 107 14.76 21.70 -0.22
C GLY A 107 15.87 22.59 0.30
N ARG A 108 17.09 22.47 -0.25
CA ARG A 108 18.23 23.26 0.22
C ARG A 108 18.39 24.61 -0.48
N ASP A 109 17.69 24.84 -1.59
CA ASP A 109 17.86 26.10 -2.29
C ASP A 109 16.56 26.91 -2.36
N THR A 117 11.68 24.26 9.73
CA THR A 117 10.73 23.18 9.49
C THR A 117 11.01 21.99 10.41
N VAL A 118 9.94 21.39 10.91
CA VAL A 118 10.02 20.17 11.71
C VAL A 118 9.46 19.05 10.86
N LEU A 119 10.29 18.05 10.58
CA LEU A 119 9.91 16.97 9.68
C LEU A 119 9.78 15.68 10.50
N CYS A 120 8.54 15.22 10.64
CA CYS A 120 8.26 13.93 11.22
C CYS A 120 8.34 12.90 10.10
N ALA A 121 9.26 11.96 10.24
CA ALA A 121 9.53 11.00 9.18
C ALA A 121 9.53 9.59 9.75
N THR A 122 9.06 8.64 8.95
CA THR A 122 9.01 7.24 9.35
C THR A 122 9.46 6.41 8.15
N GLY A 123 9.39 5.10 8.29
CA GLY A 123 9.96 4.23 7.29
C GLY A 123 11.45 4.04 7.49
N GLY A 124 12.00 3.00 6.87
CA GLY A 124 13.43 2.75 7.00
C GLY A 124 14.29 3.92 6.56
N GLY A 125 13.84 4.68 5.56
CA GLY A 125 14.64 5.77 5.07
C GLY A 125 14.76 6.94 6.03
N ALA A 126 13.88 7.01 7.05
CA ALA A 126 14.06 8.03 8.08
C ALA A 126 15.39 7.83 8.81
N TYR A 127 15.83 6.58 8.94
CA TYR A 127 17.12 6.27 9.53
C TYR A 127 18.22 6.34 8.50
N LYS A 128 18.01 5.69 7.34
CA LYS A 128 19.07 5.61 6.34
C LYS A 128 19.49 6.99 5.85
N PHE A 129 18.53 7.91 5.65
CA PHE A 129 18.83 9.22 5.10
C PHE A 129 18.78 10.33 6.13
N GLU A 130 18.83 9.97 7.42
CA GLU A 130 18.83 10.98 8.48
C GLU A 130 19.88 12.07 8.25
N LYS A 131 21.11 11.65 7.95
CA LYS A 131 22.18 12.62 7.75
C LYS A 131 21.92 13.51 6.54
N ASP A 132 21.25 12.96 5.52
CA ASP A 132 20.96 13.76 4.34
C ASP A 132 19.95 14.86 4.65
N PHE A 133 18.91 14.53 5.41
CA PHE A 133 17.92 15.55 5.78
C PHE A 133 18.54 16.67 6.59
N ARG A 134 19.54 16.36 7.39
CA ARG A 134 20.15 17.41 8.20
C ARG A 134 21.08 18.31 7.39
N THR A 135 21.31 18.03 6.10
CA THR A 135 21.97 19.05 5.27
C THR A 135 21.09 20.26 5.03
N ILE A 136 19.80 20.17 5.32
CA ILE A 136 18.91 21.32 5.26
C ILE A 136 19.06 22.10 6.56
N GLY A 137 19.59 23.32 6.48
CA GLY A 137 19.86 24.13 7.64
C GLY A 137 18.70 24.25 8.62
N ASN A 138 19.02 24.05 9.90
CA ASN A 138 18.08 24.24 11.01
C ASN A 138 16.87 23.29 10.94
N LEU A 139 16.81 22.41 9.95
CA LEU A 139 15.73 21.43 9.91
C LEU A 139 15.84 20.47 11.09
N HIS A 140 14.72 20.20 11.73
CA HIS A 140 14.65 19.24 12.84
C HIS A 140 13.95 17.99 12.33
N LEU A 141 14.68 16.88 12.31
CA LEU A 141 14.13 15.60 11.87
C LEU A 141 13.74 14.77 13.09
N HIS A 142 12.50 14.30 13.12
CA HIS A 142 12.04 13.45 14.20
C HIS A 142 11.64 12.10 13.60
N LYS A 143 12.39 11.05 13.95
CA LYS A 143 12.11 9.72 13.41
C LYS A 143 11.04 9.05 14.26
N LEU A 144 10.06 8.43 13.61
CA LEU A 144 8.99 7.71 14.28
C LEU A 144 8.88 6.31 13.68
N ASP A 145 8.40 5.36 14.50
CA ASP A 145 8.45 3.97 14.05
C ASP A 145 7.46 3.68 12.92
N GLU A 146 7.92 2.90 11.94
CA GLU A 146 7.18 2.65 10.70
C GLU A 146 5.82 2.05 10.97
N LEU A 147 5.67 1.28 12.05
CA LEU A 147 4.43 0.57 12.28
C LEU A 147 3.55 1.20 13.34
N ASP A 148 4.10 1.96 14.30
CA ASP A 148 3.27 2.87 15.09
C ASP A 148 2.56 3.88 14.20
N CYS A 149 3.27 4.41 13.20
CA CYS A 149 2.69 5.42 12.31
C CYS A 149 1.61 4.82 11.44
N LEU A 150 1.82 3.60 10.94
CA LEU A 150 0.81 2.91 10.15
C LEU A 150 -0.48 2.77 10.94
N VAL A 151 -0.38 2.26 12.17
CA VAL A 151 -1.58 2.02 12.98
C VAL A 151 -2.32 3.32 13.27
N LYS A 152 -1.60 4.35 13.73
CA LYS A 152 -2.25 5.61 14.06
C LYS A 152 -2.83 6.28 12.82
N GLY A 153 -2.12 6.20 11.69
CA GLY A 153 -2.63 6.79 10.47
C GLY A 153 -3.87 6.09 9.95
N LEU A 154 -3.84 4.76 9.93
CA LEU A 154 -5.01 3.98 9.51
C LEU A 154 -6.23 4.30 10.36
N LEU A 155 -6.06 4.28 11.69
CA LEU A 155 -7.20 4.52 12.56
C LEU A 155 -7.73 5.94 12.42
N TYR A 156 -6.85 6.90 12.10
CA TYR A 156 -7.29 8.28 11.98
C TYR A 156 -8.09 8.47 10.70
N ILE A 157 -7.55 8.05 9.56
CA ILE A 157 -8.24 8.23 8.28
C ILE A 157 -9.61 7.56 8.31
N ASP A 158 -9.69 6.35 8.86
CA ASP A 158 -11.00 5.70 8.96
C ASP A 158 -11.93 6.47 9.88
N SER A 159 -11.39 7.10 10.92
CA SER A 159 -12.24 7.81 11.87
C SER A 159 -12.81 9.10 11.27
N VAL A 160 -12.06 9.79 10.41
CA VAL A 160 -12.57 11.03 9.82
C VAL A 160 -13.35 10.80 8.53
N SER A 161 -13.29 9.59 7.97
CA SER A 161 -13.97 9.16 6.75
C SER A 161 -13.30 9.74 5.50
N PHE A 162 -13.64 9.18 4.33
CA PHE A 162 -13.13 9.65 3.05
C PHE A 162 -14.13 10.65 2.48
N ASN A 163 -14.06 11.87 2.98
CA ASN A 163 -15.01 12.95 2.63
C ASN A 163 -16.46 12.49 2.78
N GLY A 164 -16.73 11.79 3.89
CA GLY A 164 -18.06 11.31 4.18
C GLY A 164 -18.35 9.90 3.71
N GLN A 165 -17.54 9.36 2.80
CA GLN A 165 -17.64 7.99 2.34
C GLN A 165 -16.79 7.09 3.21
N ALA A 166 -17.08 5.79 3.17
CA ALA A 166 -16.30 4.83 3.93
C ALA A 166 -14.86 4.77 3.43
N GLU A 167 -13.92 4.72 4.36
CA GLU A 167 -12.53 4.50 3.97
C GLU A 167 -12.27 3.03 3.67
N CYS A 168 -13.07 2.13 4.26
CA CYS A 168 -12.81 0.69 4.19
C CYS A 168 -13.85 0.03 3.30
N TYR A 169 -13.42 -0.94 2.48
CA TYR A 169 -14.35 -1.63 1.60
C TYR A 169 -13.93 -3.08 1.45
N TYR A 170 -14.87 -3.90 0.99
CA TYR A 170 -14.59 -5.30 0.69
C TYR A 170 -15.27 -5.64 -0.63
N PHE A 171 -15.06 -6.86 -1.12
CA PHE A 171 -15.71 -7.32 -2.33
C PHE A 171 -16.78 -8.32 -1.93
N ALA A 172 -18.04 -7.88 -2.02
CA ALA A 172 -19.17 -8.72 -1.66
C ALA A 172 -19.28 -9.89 -2.64
N ASN A 173 -19.66 -11.05 -2.10
CA ASN A 173 -19.90 -12.25 -2.91
C ASN A 173 -18.73 -12.50 -3.86
N ALA A 174 -17.52 -12.52 -3.29
CA ALA A 174 -16.30 -12.67 -4.09
C ALA A 174 -16.17 -14.05 -4.72
N SER A 175 -16.98 -15.03 -4.30
CA SER A 175 -16.94 -16.35 -4.93
C SER A 175 -17.53 -16.32 -6.34
N GLU A 176 -18.55 -15.47 -6.58
CA GLU A 176 -19.30 -15.48 -7.83
C GLU A 176 -18.97 -14.22 -8.63
N PRO A 177 -18.38 -14.34 -9.82
CA PRO A 177 -17.92 -13.13 -10.52
C PRO A 177 -19.05 -12.26 -11.05
N GLU A 178 -20.21 -12.85 -11.36
CA GLU A 178 -21.34 -12.06 -11.82
C GLU A 178 -21.89 -11.15 -10.73
N ARG A 179 -21.62 -11.46 -9.46
CA ARG A 179 -22.12 -10.68 -8.34
C ARG A 179 -21.05 -9.86 -7.63
N CYS A 180 -19.78 -10.22 -7.81
CA CYS A 180 -18.69 -9.61 -7.05
C CYS A 180 -18.60 -8.11 -7.32
N GLN A 181 -18.72 -7.31 -6.25
CA GLN A 181 -18.71 -5.86 -6.39
C GLN A 181 -18.17 -5.21 -5.12
N LYS A 182 -17.50 -4.08 -5.31
CA LYS A 182 -16.97 -3.28 -4.20
C LYS A 182 -18.09 -2.74 -3.32
N MET A 183 -17.98 -2.95 -2.00
CA MET A 183 -19.00 -2.49 -1.04
C MET A 183 -18.34 -1.90 0.21
N PRO A 184 -18.92 -0.86 0.80
CA PRO A 184 -18.30 -0.24 1.99
C PRO A 184 -18.34 -1.16 3.20
N PHE A 185 -17.37 -0.99 4.09
CA PHE A 185 -17.27 -1.78 5.31
C PHE A 185 -17.01 -0.88 6.51
N ASN A 186 -17.71 -1.12 7.61
CA ASN A 186 -17.64 -0.27 8.79
C ASN A 186 -16.60 -0.78 9.77
N LEU A 187 -15.69 0.11 10.20
CA LEU A 187 -14.64 -0.19 11.16
C LEU A 187 -14.75 0.66 12.42
N ASP A 188 -15.98 0.95 12.88
CA ASP A 188 -16.13 1.87 14.01
C ASP A 188 -15.67 1.26 15.32
N ASP A 189 -15.78 -0.07 15.46
CA ASP A 189 -15.09 -0.80 16.52
C ASP A 189 -14.07 -1.67 15.79
N PRO A 190 -12.88 -1.15 15.50
CA PRO A 190 -11.97 -1.81 14.57
C PRO A 190 -11.10 -2.90 15.18
N TYR A 191 -11.31 -3.27 16.43
CA TYR A 191 -10.42 -4.26 16.98
C TYR A 191 -11.16 -5.57 17.24
N PRO A 192 -10.47 -6.72 17.14
CA PRO A 192 -9.07 -6.81 16.69
C PRO A 192 -8.96 -6.74 15.17
N LEU A 193 -7.74 -6.54 14.66
CA LEU A 193 -7.55 -6.35 13.22
C LEU A 193 -6.18 -6.90 12.84
N LEU A 194 -6.13 -7.64 11.73
CA LEU A 194 -4.86 -8.08 11.14
C LEU A 194 -4.56 -7.16 9.97
N VAL A 195 -3.46 -6.42 10.07
CA VAL A 195 -3.05 -5.48 9.02
C VAL A 195 -1.93 -6.13 8.23
N VAL A 196 -2.11 -6.25 6.92
CA VAL A 196 -1.10 -6.84 6.04
C VAL A 196 -0.56 -5.73 5.14
N ASN A 197 0.68 -5.35 5.39
CA ASN A 197 1.28 -4.18 4.74
C ASN A 197 2.16 -4.70 3.61
N ILE A 198 1.66 -4.62 2.38
CA ILE A 198 2.38 -5.14 1.21
C ILE A 198 3.12 -3.98 0.58
N GLY A 199 4.40 -3.84 0.92
CA GLY A 199 5.25 -2.85 0.28
C GLY A 199 6.31 -3.56 -0.57
N SER A 200 7.59 -3.18 -0.42
CA SER A 200 8.67 -3.96 -1.05
C SER A 200 8.61 -5.40 -0.58
N GLY A 201 8.57 -5.61 0.74
CA GLY A 201 8.23 -6.87 1.35
C GLY A 201 6.85 -6.83 1.98
N VAL A 202 6.63 -7.72 2.95
CA VAL A 202 5.33 -7.78 3.61
C VAL A 202 5.54 -7.80 5.12
N SER A 203 4.88 -6.90 5.84
CA SER A 203 4.80 -6.94 7.29
C SER A 203 3.37 -7.26 7.71
N ILE A 204 3.21 -8.12 8.71
CA ILE A 204 1.88 -8.50 9.20
C ILE A 204 1.77 -8.11 10.66
N LEU A 205 0.77 -7.30 10.97
CA LEU A 205 0.53 -6.73 12.29
C LEU A 205 -0.76 -7.26 12.87
N ALA A 206 -0.76 -7.51 14.17
CA ALA A 206 -1.98 -7.81 14.92
C ALA A 206 -2.28 -6.62 15.81
N VAL A 207 -3.41 -5.97 15.58
CA VAL A 207 -3.81 -4.78 16.31
C VAL A 207 -4.94 -5.18 17.23
N HIS A 208 -4.68 -5.12 18.54
CA HIS A 208 -5.67 -5.46 19.56
C HIS A 208 -6.33 -4.24 20.17
N SER A 209 -5.64 -3.11 20.23
CA SER A 209 -6.23 -1.86 20.70
C SER A 209 -5.46 -0.71 20.06
N LYS A 210 -5.88 0.52 20.38
CA LYS A 210 -5.18 1.69 19.86
C LYS A 210 -3.75 1.77 20.34
N ASP A 211 -3.43 1.13 21.48
CA ASP A 211 -2.09 1.14 22.03
C ASP A 211 -1.49 -0.25 22.22
N ASN A 212 -2.10 -1.29 21.62
CA ASN A 212 -1.65 -2.67 21.79
C ASN A 212 -1.63 -3.33 20.43
N TYR A 213 -0.44 -3.41 19.82
CA TYR A 213 -0.26 -4.06 18.54
C TYR A 213 1.14 -4.63 18.47
N LYS A 214 1.28 -5.68 17.65
CA LYS A 214 2.53 -6.40 17.49
C LYS A 214 2.73 -6.73 16.01
N ARG A 215 3.99 -6.78 15.58
CA ARG A 215 4.33 -7.34 14.27
C ARG A 215 4.40 -8.86 14.39
N VAL A 216 3.40 -9.55 13.86
CA VAL A 216 3.33 -11.00 14.00
C VAL A 216 4.48 -11.67 13.27
N THR A 217 4.67 -11.30 12.01
CA THR A 217 5.76 -11.83 11.20
C THR A 217 5.84 -10.97 9.95
N GLY A 218 6.64 -11.42 8.98
CA GLY A 218 6.64 -10.80 7.67
C GLY A 218 6.99 -11.84 6.64
N THR A 219 6.93 -11.44 5.37
CA THR A 219 7.47 -12.29 4.32
C THR A 219 8.21 -11.40 3.34
N SER A 220 9.24 -11.95 2.71
CA SER A 220 10.02 -11.18 1.76
C SER A 220 9.47 -11.30 0.34
N LEU A 221 8.38 -12.02 0.13
CA LEU A 221 7.73 -12.13 -1.17
C LEU A 221 6.63 -11.07 -1.24
N GLY A 222 7.00 -9.87 -1.70
CA GLY A 222 6.11 -8.74 -1.68
C GLY A 222 6.09 -8.03 -3.02
N GLY A 223 5.76 -6.73 -2.96
CA GLY A 223 5.65 -5.96 -4.18
C GLY A 223 6.95 -5.87 -4.96
N GLY A 224 8.09 -5.82 -4.25
CA GLY A 224 9.37 -5.74 -4.94
C GLY A 224 9.72 -7.03 -5.67
N THR A 225 9.26 -8.16 -5.13
CA THR A 225 9.41 -9.45 -5.82
C THR A 225 8.60 -9.46 -7.10
N PHE A 226 7.35 -8.99 -7.04
CA PHE A 226 6.56 -8.92 -8.25
C PHE A 226 7.26 -8.08 -9.31
N LEU A 227 7.66 -6.86 -8.94
CA LEU A 227 8.24 -5.95 -9.92
C LEU A 227 9.62 -6.41 -10.37
N GLY A 228 10.43 -6.93 -9.44
CA GLY A 228 11.76 -7.39 -9.82
C GLY A 228 11.72 -8.62 -10.72
N LEU A 229 10.90 -9.62 -10.35
CA LEU A 229 10.80 -10.81 -11.19
C LEU A 229 10.19 -10.49 -12.54
N CYS A 230 9.13 -9.70 -12.53
CA CYS A 230 8.52 -9.27 -13.78
C CYS A 230 9.52 -8.60 -14.70
N SER A 231 10.33 -7.70 -14.16
CA SER A 231 11.31 -7.01 -14.99
C SER A 231 12.32 -7.99 -15.59
N LEU A 232 12.79 -8.94 -14.78
CA LEU A 232 13.72 -9.95 -15.28
C LEU A 232 13.06 -10.85 -16.34
N LEU A 233 11.81 -11.26 -16.11
CA LEU A 233 11.17 -12.24 -16.98
C LEU A 233 10.60 -11.63 -18.25
N THR A 234 10.07 -10.42 -18.16
CA THR A 234 9.36 -9.83 -19.28
C THR A 234 9.99 -8.56 -19.83
N GLY A 235 10.94 -7.95 -19.12
CA GLY A 235 11.52 -6.71 -19.58
C GLY A 235 10.66 -5.48 -19.36
N CYS A 236 9.56 -5.59 -18.62
CA CYS A 236 8.70 -4.45 -18.37
C CYS A 236 9.48 -3.32 -17.68
N GLU A 237 9.05 -2.09 -17.92
CA GLU A 237 9.78 -0.94 -17.43
C GLU A 237 9.05 -0.16 -16.33
N SER A 238 7.85 -0.59 -15.94
CA SER A 238 7.15 0.09 -14.85
C SER A 238 6.18 -0.88 -14.19
N PHE A 239 5.81 -0.52 -12.96
CA PHE A 239 4.76 -1.25 -12.24
C PHE A 239 3.48 -1.33 -13.06
N GLU A 240 3.06 -0.19 -13.63
CA GLU A 240 1.82 -0.18 -14.42
C GLU A 240 1.94 -1.04 -15.67
N GLU A 241 3.10 -1.02 -16.33
CA GLU A 241 3.25 -1.88 -17.51
C GLU A 241 3.22 -3.35 -17.10
N ALA A 242 3.79 -3.67 -15.94
CA ALA A 242 3.75 -5.05 -15.45
C ALA A 242 2.31 -5.50 -15.24
N LEU A 243 1.49 -4.65 -14.60
CA LEU A 243 0.08 -4.98 -14.40
C LEU A 243 -0.67 -5.08 -15.71
N GLU A 244 -0.33 -4.23 -16.69
CA GLU A 244 -0.98 -4.28 -17.99
C GLU A 244 -0.64 -5.57 -18.73
N MET A 245 0.62 -6.01 -18.66
CA MET A 245 0.97 -7.31 -19.22
C MET A 245 0.22 -8.42 -18.51
N ALA A 246 0.15 -8.36 -17.18
CA ALA A 246 -0.48 -9.43 -16.41
C ALA A 246 -1.96 -9.56 -16.73
N SER A 247 -2.62 -8.43 -16.99
CA SER A 247 -4.04 -8.48 -17.31
C SER A 247 -4.31 -9.24 -18.61
N LYS A 248 -3.31 -9.36 -19.48
CA LYS A 248 -3.49 -10.00 -20.77
C LYS A 248 -3.01 -11.45 -20.79
N GLY A 249 -2.39 -11.92 -19.72
CA GLY A 249 -1.78 -13.23 -19.71
C GLY A 249 -2.67 -14.32 -19.13
N ASP A 250 -2.15 -15.55 -19.23
CA ASP A 250 -2.80 -16.73 -18.67
C ASP A 250 -1.76 -17.44 -17.79
N SER A 251 -1.89 -17.29 -16.47
CA SER A 251 -0.89 -17.84 -15.54
C SER A 251 -0.79 -19.37 -15.63
N THR A 252 -1.85 -20.04 -16.09
CA THR A 252 -1.84 -21.50 -16.14
C THR A 252 -0.91 -22.02 -17.24
N GLN A 253 -0.43 -21.15 -18.13
CA GLN A 253 0.60 -21.55 -19.08
C GLN A 253 1.95 -21.79 -18.38
N ALA A 254 2.23 -21.09 -17.28
CA ALA A 254 3.46 -21.25 -16.53
C ALA A 254 3.32 -22.15 -15.31
N ASP A 255 2.17 -22.11 -14.65
CA ASP A 255 1.93 -22.83 -13.39
C ASP A 255 1.48 -24.25 -13.65
N LYS A 256 1.88 -25.16 -12.76
CA LYS A 256 1.39 -26.53 -12.76
C LYS A 256 0.22 -26.62 -11.79
N LEU A 257 -0.94 -27.05 -12.28
CA LEU A 257 -2.17 -27.06 -11.49
C LEU A 257 -2.36 -28.43 -10.87
N VAL A 258 -3.26 -28.51 -9.89
CA VAL A 258 -3.59 -29.81 -9.31
C VAL A 258 -4.05 -30.77 -10.39
N ARG A 259 -4.82 -30.29 -11.38
CA ARG A 259 -5.30 -31.23 -12.38
C ARG A 259 -4.19 -31.69 -13.33
N ASP A 260 -3.09 -30.95 -13.44
CA ASP A 260 -1.96 -31.44 -14.22
C ASP A 260 -1.27 -32.63 -13.56
N ILE A 261 -1.38 -32.75 -12.24
CA ILE A 261 -0.74 -33.82 -11.50
C ILE A 261 -1.68 -35.00 -11.26
N TYR A 262 -2.95 -34.71 -10.91
CA TYR A 262 -3.95 -35.71 -10.57
C TYR A 262 -4.86 -36.07 -11.73
N GLY A 263 -4.94 -35.24 -12.77
CA GLY A 263 -5.95 -35.43 -13.79
C GLY A 263 -7.29 -34.79 -13.47
N GLY A 264 -7.43 -34.19 -12.30
CA GLY A 264 -8.68 -33.58 -11.85
C GLY A 264 -8.54 -33.07 -10.43
N ASP A 265 -9.62 -33.01 -9.68
CA ASP A 265 -9.55 -32.63 -8.26
C ASP A 265 -8.73 -33.65 -7.46
N TYR A 266 -8.14 -33.18 -6.36
CA TYR A 266 -7.61 -34.05 -5.31
C TYR A 266 -8.70 -34.08 -4.24
N GLU A 267 -9.62 -35.04 -4.38
CA GLU A 267 -10.84 -35.06 -3.60
C GLU A 267 -10.54 -35.20 -2.10
N ARG A 268 -9.68 -36.15 -1.75
CA ARG A 268 -9.47 -36.55 -0.36
C ARG A 268 -9.16 -35.37 0.55
N PHE A 269 -8.40 -34.39 0.05
CA PHE A 269 -8.07 -33.22 0.85
C PHE A 269 -8.72 -31.95 0.32
N GLY A 270 -9.80 -32.09 -0.45
CA GLY A 270 -10.55 -30.94 -0.91
C GLY A 270 -9.72 -29.92 -1.67
N LEU A 271 -8.89 -30.38 -2.59
CA LEU A 271 -8.11 -29.48 -3.43
C LEU A 271 -8.69 -29.46 -4.83
N PRO A 272 -9.18 -28.32 -5.32
CA PRO A 272 -9.82 -28.31 -6.64
C PRO A 272 -8.77 -28.42 -7.73
N GLY A 273 -9.19 -28.98 -8.88
CA GLY A 273 -8.27 -29.17 -9.99
C GLY A 273 -7.60 -27.89 -10.46
N TRP A 274 -8.26 -26.74 -10.26
CA TRP A 274 -7.75 -25.46 -10.74
C TRP A 274 -6.71 -24.83 -9.80
N ALA A 275 -6.60 -25.32 -8.57
CA ALA A 275 -5.61 -24.76 -7.65
C ALA A 275 -4.19 -24.98 -8.18
N VAL A 276 -3.33 -24.01 -7.91
CA VAL A 276 -1.94 -24.12 -8.33
C VAL A 276 -1.23 -25.10 -7.40
N ALA A 277 -0.70 -26.18 -7.97
CA ALA A 277 0.14 -27.08 -7.18
C ALA A 277 1.59 -26.63 -7.15
N SER A 278 2.10 -26.04 -8.24
CA SER A 278 3.50 -25.62 -8.31
C SER A 278 3.58 -24.37 -9.16
N SER A 279 3.85 -23.23 -8.54
CA SER A 279 3.99 -21.97 -9.27
C SER A 279 5.20 -22.03 -10.19
N PHE A 280 5.02 -21.62 -11.45
CA PHE A 280 6.03 -21.75 -12.50
C PHE A 280 6.44 -23.19 -12.73
N GLY A 281 5.67 -24.16 -12.22
CA GLY A 281 6.13 -25.54 -12.25
C GLY A 281 6.10 -26.17 -13.63
N ASN A 282 5.37 -25.58 -14.58
CA ASN A 282 5.40 -26.07 -15.95
C ASN A 282 6.60 -25.55 -16.72
N MET A 283 7.34 -24.61 -16.15
CA MET A 283 8.52 -24.06 -16.79
C MET A 283 9.74 -24.97 -16.65
N ILE A 284 9.62 -26.11 -15.99
CA ILE A 284 10.72 -27.08 -16.03
C ILE A 284 10.83 -27.77 -17.37
N TYR A 285 9.83 -27.63 -18.23
CA TYR A 285 9.86 -28.28 -19.55
C TYR A 285 10.25 -27.26 -20.60
N LYS A 286 11.29 -27.58 -21.37
CA LYS A 286 11.83 -26.64 -22.34
C LYS A 286 10.79 -26.23 -23.36
N GLU A 287 9.99 -27.18 -23.84
CA GLU A 287 9.00 -26.84 -24.86
C GLU A 287 7.97 -25.84 -24.33
N LYS A 288 7.63 -25.91 -23.04
CA LYS A 288 6.69 -24.94 -22.49
C LYS A 288 7.35 -23.58 -22.27
N ARG A 289 8.62 -23.57 -21.85
CA ARG A 289 9.32 -22.28 -21.76
C ARG A 289 9.36 -21.58 -23.10
N GLU A 290 9.43 -22.34 -24.18
CA GLU A 290 9.53 -21.77 -25.53
C GLU A 290 8.19 -21.27 -26.06
N SER A 291 7.07 -21.65 -25.47
CA SER A 291 5.78 -21.20 -25.98
C SER A 291 5.09 -20.21 -25.06
N VAL A 292 5.59 -20.01 -23.83
CA VAL A 292 4.98 -19.09 -22.90
C VAL A 292 5.23 -17.66 -23.36
N SER A 293 4.27 -16.78 -23.14
CA SER A 293 4.42 -15.38 -23.51
C SER A 293 4.85 -14.56 -22.31
N LYS A 294 5.39 -13.37 -22.58
CA LYS A 294 5.75 -12.47 -21.49
C LYS A 294 4.52 -12.09 -20.67
N GLU A 295 3.37 -11.96 -21.32
CA GLU A 295 2.14 -11.66 -20.58
C GLU A 295 1.77 -12.80 -19.64
N ASP A 296 1.87 -14.05 -20.11
CA ASP A 296 1.65 -15.20 -19.24
C ASP A 296 2.57 -15.16 -18.03
N LEU A 297 3.86 -14.84 -18.24
CA LEU A 297 4.79 -14.82 -17.12
C LEU A 297 4.49 -13.67 -16.15
N ALA A 298 4.05 -12.51 -16.65
CA ALA A 298 3.68 -11.44 -15.73
C ALA A 298 2.50 -11.87 -14.87
N ARG A 299 1.50 -12.49 -15.48
CA ARG A 299 0.35 -12.93 -14.71
C ARG A 299 0.73 -14.02 -13.72
N ALA A 300 1.59 -14.96 -14.13
CA ALA A 300 2.01 -15.97 -13.17
C ALA A 300 2.79 -15.36 -12.01
N THR A 301 3.57 -14.31 -12.27
CA THR A 301 4.29 -13.68 -11.17
C THR A 301 3.32 -13.02 -10.21
N LEU A 302 2.33 -12.31 -10.75
CA LEU A 302 1.35 -11.63 -9.91
C LEU A 302 0.54 -12.64 -9.10
N VAL A 303 0.07 -13.70 -9.76
CA VAL A 303 -0.73 -14.73 -9.07
C VAL A 303 0.09 -15.41 -7.98
N THR A 304 1.33 -15.78 -8.30
CA THR A 304 2.20 -16.41 -7.31
C THR A 304 2.39 -15.55 -6.06
N ILE A 305 2.76 -14.29 -6.24
CA ILE A 305 3.00 -13.40 -5.09
C ILE A 305 1.71 -13.18 -4.31
N THR A 306 0.61 -12.94 -5.02
CA THR A 306 -0.64 -12.60 -4.34
C THR A 306 -1.17 -13.77 -3.53
N ASN A 307 -1.19 -14.97 -4.12
CA ASN A 307 -1.64 -16.16 -3.37
C ASN A 307 -0.78 -16.42 -2.14
N ASN A 308 0.52 -16.21 -2.26
CA ASN A 308 1.38 -16.49 -1.11
C ASN A 308 1.10 -15.49 0.01
N ILE A 309 0.89 -14.22 -0.33
CA ILE A 309 0.49 -13.22 0.66
C ILE A 309 -0.83 -13.63 1.32
N GLY A 310 -1.81 -14.02 0.51
CA GLY A 310 -3.09 -14.41 1.08
C GLY A 310 -2.96 -15.61 1.99
N SER A 311 -2.15 -16.59 1.60
CA SER A 311 -1.98 -17.78 2.41
C SER A 311 -1.31 -17.45 3.74
N VAL A 312 -0.26 -16.62 3.70
CA VAL A 312 0.42 -16.23 4.93
C VAL A 312 -0.53 -15.42 5.82
N ALA A 313 -1.30 -14.53 5.21
CA ALA A 313 -2.28 -13.76 5.97
C ALA A 313 -3.31 -14.67 6.65
N ARG A 314 -3.73 -15.73 5.94
CA ARG A 314 -4.73 -16.62 6.51
C ARG A 314 -4.16 -17.39 7.71
N MET A 315 -2.92 -17.86 7.61
CA MET A 315 -2.35 -18.62 8.71
C MET A 315 -2.17 -17.74 9.94
N CYS A 316 -1.73 -16.48 9.73
CA CYS A 316 -1.58 -15.56 10.84
C CYS A 316 -2.91 -15.22 11.47
N ALA A 317 -3.94 -14.98 10.65
CA ALA A 317 -5.27 -14.74 11.17
C ALA A 317 -5.73 -15.88 12.06
N VAL A 318 -5.55 -17.12 11.60
CA VAL A 318 -5.99 -18.27 12.39
C VAL A 318 -5.20 -18.35 13.69
N ASN A 319 -3.90 -18.07 13.64
CA ASN A 319 -3.08 -18.14 14.85
C ASN A 319 -3.42 -17.02 15.82
N GLU A 320 -3.75 -15.84 15.31
CA GLU A 320 -4.04 -14.70 16.16
C GLU A 320 -5.50 -14.63 16.58
N LYS A 321 -6.36 -15.50 16.02
CA LYS A 321 -7.78 -15.53 16.30
C LYS A 321 -8.47 -14.23 15.86
N ILE A 322 -8.14 -13.78 14.66
CA ILE A 322 -8.67 -12.54 14.10
C ILE A 322 -9.31 -12.88 12.76
N ASN A 323 -10.54 -12.40 12.54
CA ASN A 323 -11.23 -12.72 11.30
C ASN A 323 -11.31 -11.54 10.32
N ARG A 324 -10.81 -10.37 10.71
CA ARG A 324 -10.80 -9.21 9.83
C ARG A 324 -9.36 -8.93 9.40
N VAL A 325 -9.11 -9.04 8.09
CA VAL A 325 -7.77 -8.91 7.53
C VAL A 325 -7.80 -7.76 6.55
N VAL A 326 -7.08 -6.69 6.86
CA VAL A 326 -7.04 -5.53 5.97
C VAL A 326 -5.66 -5.46 5.31
N PHE A 327 -5.66 -5.26 3.99
CA PHE A 327 -4.43 -5.20 3.20
C PHE A 327 -4.14 -3.75 2.83
N VAL A 328 -2.92 -3.30 3.10
CA VAL A 328 -2.48 -1.96 2.72
C VAL A 328 -1.13 -2.04 2.00
N GLY A 329 -0.57 -0.88 1.67
CA GLY A 329 0.65 -0.80 0.90
C GLY A 329 0.37 -0.52 -0.56
N ASN A 330 1.41 -0.15 -1.30
CA ASN A 330 1.17 0.28 -2.68
C ASN A 330 1.24 -0.85 -3.70
N PHE A 331 1.53 -2.08 -3.28
CA PHE A 331 1.41 -3.21 -4.21
C PHE A 331 0.00 -3.28 -4.78
N LEU A 332 -0.99 -2.86 -4.03
CA LEU A 332 -2.39 -2.94 -4.45
C LEU A 332 -2.93 -1.68 -5.11
N ARG A 333 -2.15 -0.62 -5.24
CA ARG A 333 -2.69 0.54 -5.95
C ARG A 333 -2.83 0.23 -7.42
N VAL A 334 -3.92 0.72 -8.01
CA VAL A 334 -4.39 0.49 -9.38
C VAL A 334 -4.24 -0.97 -9.77
N ASN A 335 -4.41 -1.88 -8.80
CA ASN A 335 -4.15 -3.32 -8.96
C ASN A 335 -5.40 -4.10 -8.52
N THR A 336 -6.48 -4.00 -9.31
CA THR A 336 -7.71 -4.69 -8.97
C THR A 336 -7.58 -6.20 -9.11
N LEU A 337 -6.70 -6.66 -10.01
CA LEU A 337 -6.51 -8.10 -10.15
C LEU A 337 -6.07 -8.72 -8.84
N SER A 338 -5.05 -8.15 -8.19
CA SER A 338 -4.60 -8.71 -6.92
C SER A 338 -5.64 -8.54 -5.82
N MET A 339 -6.38 -7.43 -5.82
CA MET A 339 -7.40 -7.27 -4.78
C MET A 339 -8.47 -8.33 -4.90
N LYS A 340 -8.97 -8.57 -6.12
CA LYS A 340 -10.00 -9.58 -6.30
C LYS A 340 -9.45 -10.98 -6.02
N LEU A 341 -8.21 -11.23 -6.42
CA LEU A 341 -7.59 -12.52 -6.12
C LEU A 341 -7.53 -12.72 -4.61
N LEU A 342 -7.10 -11.70 -3.87
CA LEU A 342 -7.08 -11.79 -2.41
C LEU A 342 -8.48 -11.97 -1.83
N ALA A 343 -9.46 -11.19 -2.31
CA ALA A 343 -10.82 -11.34 -1.81
C ALA A 343 -11.32 -12.77 -2.02
N TYR A 344 -11.14 -13.28 -3.23
CA TYR A 344 -11.69 -14.60 -3.55
C TYR A 344 -10.94 -15.69 -2.79
N ALA A 345 -9.61 -15.61 -2.76
CA ALA A 345 -8.83 -16.69 -2.15
C ALA A 345 -9.05 -16.75 -0.65
N LEU A 346 -9.01 -15.60 0.02
CA LEU A 346 -9.22 -15.59 1.47
C LEU A 346 -10.56 -16.19 1.83
N ASP A 347 -11.61 -15.82 1.10
CA ASP A 347 -12.93 -16.37 1.37
C ASP A 347 -12.97 -17.86 1.04
N TYR A 348 -12.41 -18.27 -0.10
CA TYR A 348 -12.50 -19.68 -0.48
C TYR A 348 -11.71 -20.56 0.48
N TRP A 349 -10.43 -20.24 0.69
CA TRP A 349 -9.60 -21.14 1.48
C TRP A 349 -9.95 -21.13 2.97
N SER A 350 -10.55 -20.05 3.48
CA SER A 350 -10.98 -20.02 4.87
C SER A 350 -12.38 -20.56 5.06
N LYS A 351 -12.99 -21.10 3.99
CA LYS A 351 -14.36 -21.59 4.02
C LYS A 351 -15.30 -20.50 4.52
N GLY A 352 -14.99 -19.25 4.18
CA GLY A 352 -15.83 -18.12 4.53
C GLY A 352 -15.60 -17.53 5.90
N GLN A 353 -14.54 -17.93 6.60
CA GLN A 353 -14.30 -17.49 7.97
C GLN A 353 -13.53 -16.18 8.05
N LEU A 354 -12.85 -15.77 6.98
CA LEU A 354 -12.08 -14.54 6.97
C LEU A 354 -12.58 -13.63 5.86
N LYS A 355 -12.55 -12.33 6.13
CA LYS A 355 -12.94 -11.32 5.17
C LYS A 355 -11.73 -10.51 4.76
N ALA A 356 -11.50 -10.38 3.45
CA ALA A 356 -10.47 -9.49 2.92
C ALA A 356 -11.02 -8.07 2.85
N LEU A 357 -10.34 -7.15 3.52
CA LEU A 357 -10.74 -5.75 3.59
C LEU A 357 -9.67 -4.89 2.94
N PHE A 358 -10.09 -3.76 2.37
CA PHE A 358 -9.18 -2.88 1.66
C PHE A 358 -9.49 -1.44 2.06
N LEU A 359 -8.53 -0.53 1.84
CA LEU A 359 -8.66 0.86 2.26
C LEU A 359 -8.28 1.80 1.13
N GLU A 360 -9.04 2.88 0.97
CA GLU A 360 -8.80 3.81 -0.14
C GLU A 360 -7.44 4.50 -0.06
N HIS A 361 -6.95 4.78 1.14
CA HIS A 361 -5.68 5.49 1.31
C HIS A 361 -4.52 4.55 1.64
N GLU A 362 -4.52 3.38 1.00
CA GLU A 362 -3.73 2.24 1.49
C GLU A 362 -2.23 2.49 1.51
N GLY A 363 -1.69 3.30 0.59
CA GLY A 363 -0.24 3.46 0.65
C GLY A 363 0.24 4.52 1.62
N TYR A 364 -0.66 5.27 2.24
CA TYR A 364 -0.31 6.53 2.87
C TYR A 364 -0.44 6.56 4.39
N PHE A 365 -0.81 5.46 5.04
CA PHE A 365 -1.12 5.60 6.47
C PHE A 365 0.11 5.96 7.30
N GLY A 366 1.29 5.44 6.94
CA GLY A 366 2.50 5.82 7.66
C GLY A 366 2.78 7.30 7.58
N ALA A 367 2.65 7.88 6.39
CA ALA A 367 2.90 9.29 6.22
C ALA A 367 1.92 10.12 7.04
N VAL A 368 0.65 9.68 7.09
CA VAL A 368 -0.34 10.38 7.91
C VAL A 368 0.01 10.26 9.39
N GLY A 369 0.35 9.05 9.83
CA GLY A 369 0.70 8.87 11.23
C GLY A 369 1.90 9.68 11.64
N ALA A 370 2.89 9.83 10.76
CA ALA A 370 4.01 10.72 11.05
C ALA A 370 3.53 12.14 11.25
N LEU A 371 2.67 12.62 10.35
CA LEU A 371 2.14 13.97 10.49
C LEU A 371 1.45 14.16 11.84
N LEU A 372 0.72 13.14 12.30
CA LEU A 372 0.01 13.24 13.56
C LEU A 372 0.95 13.30 14.77
N GLY A 373 2.21 12.93 14.62
CA GLY A 373 3.17 13.04 15.70
C GLY A 373 3.67 14.44 15.95
N LEU A 374 3.28 15.38 15.10
CA LEU A 374 3.80 16.74 15.17
C LEU A 374 3.59 17.44 16.51
N PRO A 375 2.43 17.36 17.18
CA PRO A 375 2.29 18.06 18.46
C PRO A 375 3.26 17.62 19.53
N ASN A 376 3.90 16.46 19.40
CA ASN A 376 4.85 16.00 20.41
C ASN A 376 6.22 16.67 20.29
N PHE A 377 6.37 17.69 19.46
CA PHE A 377 7.67 18.33 19.28
C PHE A 377 7.57 19.85 19.25
#